data_7MZQ
#
_entry.id   7MZQ
#
_cell.length_a   79.472
_cell.length_b   79.472
_cell.length_c   70.227
_cell.angle_alpha   90.000
_cell.angle_beta   90.000
_cell.angle_gamma   90.000
#
_symmetry.space_group_name_H-M   'I 4'
#
loop_
_entity.id
_entity.type
_entity.pdbx_description
1 polymer 'Fimbrial adhesin UcaD'
2 non-polymer beta-L-fucopyranose
3 non-polymer 'CHLORIDE ION'
4 water water
#
_entity_poly.entity_id   1
_entity_poly.type   'polypeptide(L)'
_entity_poly.pdbx_seq_one_letter_code
;MGANDYVPSPITINTSTLPVVVIGPADAHTYPRVIGELTGTSNQYIFNGGSLIALMRGKFTPTLPKIGKITYNFRQGNNT
QSSDFDIFDTGVPGLGIIIGMAGYWPATPLVPINSSSIYIDPVAANTNPNAYNGATGSFGARLYVAFVATGRLPNGYVTI
PTKQLGHILLESNRASLNNKRLTAPVMLNGGRIQVQSLEHHHHHH
;
_entity_poly.pdbx_strand_id   A
#
# COMPACT_ATOMS: atom_id res chain seq x y z
N GLY A 2 11.48 -26.47 -4.51
CA GLY A 2 10.86 -27.15 -3.40
C GLY A 2 9.42 -26.75 -3.18
N ALA A 3 8.69 -27.57 -2.41
CA ALA A 3 7.27 -27.33 -2.20
C ALA A 3 7.00 -25.93 -1.68
N ASN A 4 7.87 -25.44 -0.78
CA ASN A 4 7.64 -24.17 -0.11
C ASN A 4 8.64 -23.11 -0.53
N ASP A 5 9.32 -23.30 -1.66
CA ASP A 5 10.35 -22.37 -2.14
C ASP A 5 9.73 -21.14 -2.80
N TYR A 6 8.82 -20.48 -2.07
CA TYR A 6 8.27 -19.20 -2.47
C TYR A 6 9.30 -18.12 -2.15
N VAL A 7 9.35 -17.11 -3.01
CA VAL A 7 10.31 -16.02 -2.91
C VAL A 7 9.56 -14.69 -2.98
N PRO A 8 9.98 -13.66 -2.25
CA PRO A 8 9.32 -12.36 -2.34
C PRO A 8 9.88 -11.48 -3.44
N SER A 9 9.04 -10.55 -3.89
CA SER A 9 9.37 -9.50 -4.85
C SER A 9 8.68 -8.23 -4.37
N PRO A 10 9.30 -7.06 -4.57
CA PRO A 10 8.65 -5.81 -4.13
C PRO A 10 7.44 -5.46 -4.98
N ILE A 11 6.56 -4.65 -4.41
CA ILE A 11 5.55 -3.93 -5.18
C ILE A 11 5.82 -2.43 -4.96
N THR A 12 5.81 -1.67 -6.06
CA THR A 12 6.27 -0.29 -6.10
C THR A 12 5.24 0.60 -6.79
N ILE A 13 5.14 1.84 -6.33
CA ILE A 13 4.32 2.87 -6.96
C ILE A 13 5.20 4.10 -7.11
N ASN A 14 4.89 4.95 -8.09
CA ASN A 14 5.82 5.97 -8.56
C ASN A 14 5.34 7.39 -8.25
N THR A 15 6.15 8.12 -7.47
CA THR A 15 5.92 9.54 -7.21
C THR A 15 5.76 10.32 -8.50
N SER A 16 6.49 9.92 -9.53
CA SER A 16 6.50 10.65 -10.79
C SER A 16 5.16 10.66 -11.50
N THR A 17 4.16 9.91 -11.03
CA THR A 17 2.84 9.96 -11.65
C THR A 17 1.89 10.94 -10.94
N LEU A 18 2.37 11.67 -9.94
CA LEU A 18 1.52 12.69 -9.31
C LEU A 18 1.36 13.85 -10.28
N PRO A 19 0.16 14.25 -10.66
CA PRO A 19 0.02 15.43 -11.51
C PRO A 19 0.47 16.69 -10.78
N VAL A 20 0.69 17.75 -11.55
CA VAL A 20 1.02 19.06 -10.96
C VAL A 20 -0.06 19.41 -9.94
N VAL A 21 0.38 19.90 -8.80
CA VAL A 21 -0.48 20.31 -7.70
C VAL A 21 -0.79 21.79 -7.87
N VAL A 22 -2.02 22.11 -8.28
CA VAL A 22 -2.42 23.48 -8.54
C VAL A 22 -3.21 23.95 -7.33
N ILE A 23 -2.73 25.01 -6.69
CA ILE A 23 -3.37 25.51 -5.47
C ILE A 23 -4.05 26.84 -5.76
N ALA A 28 -4.40 27.31 -0.24
CA ALA A 28 -5.74 26.99 0.23
C ALA A 28 -5.75 27.05 1.76
N HIS A 29 -4.58 26.83 2.35
CA HIS A 29 -4.38 26.94 3.79
C HIS A 29 -5.26 25.96 4.58
N THR A 30 -5.79 24.92 3.92
CA THR A 30 -6.59 23.90 4.59
C THR A 30 -5.76 22.63 4.73
N TYR A 31 -5.56 22.19 5.98
CA TYR A 31 -4.75 21.02 6.29
C TYR A 31 -5.49 20.10 7.25
N PRO A 32 -5.39 18.78 7.09
CA PRO A 32 -4.71 18.10 5.95
C PRO A 32 -5.63 18.08 4.75
N ARG A 33 -5.08 17.87 3.55
CA ARG A 33 -5.92 17.62 2.40
C ARG A 33 -5.15 16.79 1.38
N VAL A 34 -5.88 15.95 0.65
CA VAL A 34 -5.28 15.18 -0.44
C VAL A 34 -5.03 16.10 -1.62
N ILE A 35 -3.83 16.03 -2.19
CA ILE A 35 -3.41 16.91 -3.28
C ILE A 35 -3.24 16.16 -4.59
N GLY A 36 -3.43 14.85 -4.60
CA GLY A 36 -3.48 14.07 -5.83
C GLY A 36 -3.22 12.61 -5.56
N GLU A 37 -3.56 11.79 -6.55
CA GLU A 37 -3.33 10.35 -6.51
C GLU A 37 -2.20 9.97 -7.45
N LEU A 38 -1.34 9.06 -7.01
CA LEU A 38 -0.46 8.38 -7.94
C LEU A 38 -1.24 7.35 -8.77
N THR A 39 -0.65 6.97 -9.89
CA THR A 39 -1.23 5.87 -10.68
C THR A 39 -1.06 4.55 -9.94
N GLY A 40 -2.18 3.88 -9.68
CA GLY A 40 -2.12 2.60 -8.98
C GLY A 40 -1.30 1.58 -9.75
N THR A 41 -0.66 0.69 -9.00
CA THR A 41 0.14 -0.35 -9.60
C THR A 41 -0.26 -1.72 -9.07
N SER A 42 0.26 -2.77 -9.71
CA SER A 42 -0.07 -4.12 -9.29
C SER A 42 1.12 -5.02 -9.56
N ASN A 43 1.24 -6.07 -8.76
CA ASN A 43 2.25 -7.10 -8.96
C ASN A 43 1.56 -8.43 -8.67
N GLN A 44 1.40 -9.27 -9.68
CA GLN A 44 0.73 -10.55 -9.52
C GLN A 44 1.57 -11.52 -8.71
N TYR A 45 2.87 -11.33 -8.64
CA TYR A 45 3.81 -12.33 -8.13
C TYR A 45 4.66 -11.73 -7.03
N ILE A 46 3.99 -11.18 -6.01
CA ILE A 46 4.72 -10.71 -4.83
C ILE A 46 5.35 -11.88 -4.09
N PHE A 47 4.62 -13.00 -3.99
CA PHE A 47 5.20 -14.24 -3.50
C PHE A 47 4.93 -15.31 -4.56
N ASN A 48 5.97 -16.04 -4.95
CA ASN A 48 5.88 -16.97 -6.08
C ASN A 48 7.07 -17.89 -6.05
N GLY A 49 6.89 -19.10 -6.55
CA GLY A 49 8.02 -19.98 -6.75
C GLY A 49 7.95 -21.37 -6.17
N GLY A 50 7.16 -21.58 -5.13
CA GLY A 50 7.06 -22.92 -4.57
C GLY A 50 6.35 -23.86 -5.50
N SER A 51 6.73 -25.14 -5.42
CA SER A 51 6.13 -26.09 -6.35
C SER A 51 4.76 -26.60 -5.92
N LEU A 52 4.38 -26.42 -4.65
CA LEU A 52 3.12 -26.91 -4.13
C LEU A 52 2.17 -25.74 -3.88
N ILE A 53 1.00 -25.79 -4.50
CA ILE A 53 -0.02 -24.76 -4.30
C ILE A 53 -0.28 -24.58 -2.81
N ALA A 54 -0.69 -23.38 -2.42
CA ALA A 54 -0.92 -23.07 -1.02
C ALA A 54 -2.07 -22.07 -0.90
N LEU A 55 -2.77 -22.16 0.24
CA LEU A 55 -3.70 -21.13 0.66
C LEU A 55 -2.91 -20.05 1.39
N MET A 56 -2.98 -18.83 0.90
CA MET A 56 -2.10 -17.75 1.35
C MET A 56 -2.90 -16.49 1.62
N ARG A 57 -2.29 -15.60 2.39
CA ARG A 57 -2.83 -14.27 2.67
C ARG A 57 -1.66 -13.33 2.96
N GLY A 58 -1.93 -12.03 2.79
CA GLY A 58 -0.92 -11.03 3.03
C GLY A 58 -1.29 -10.03 4.08
N LYS A 59 -0.41 -9.90 5.07
CA LYS A 59 -0.59 -8.96 6.18
C LYS A 59 0.36 -7.79 5.93
N PHE A 60 -0.19 -6.61 5.76
CA PHE A 60 0.60 -5.41 5.54
C PHE A 60 0.84 -4.66 6.84
N THR A 61 2.10 -4.32 7.09
CA THR A 61 2.47 -3.46 8.23
C THR A 61 3.13 -2.20 7.70
N PRO A 62 2.52 -1.03 7.88
CA PRO A 62 3.21 0.23 7.53
C PRO A 62 4.31 0.55 8.52
N THR A 63 5.42 1.10 8.01
CA THR A 63 6.56 1.35 8.88
C THR A 63 7.09 2.78 8.82
N LEU A 64 6.38 3.71 8.25
CA LEU A 64 6.72 5.12 8.33
C LEU A 64 5.96 5.77 9.49
N PRO A 65 6.43 6.92 9.97
CA PRO A 65 5.74 7.61 11.06
C PRO A 65 4.31 7.97 10.69
N LYS A 66 3.39 7.74 11.63
CA LYS A 66 1.99 8.05 11.43
C LYS A 66 1.70 9.42 12.02
N ILE A 67 1.34 10.38 11.18
CA ILE A 67 1.11 11.76 11.60
C ILE A 67 -0.29 11.92 12.17
N GLY A 68 -1.28 11.23 11.59
CA GLY A 68 -2.67 11.39 11.98
C GLY A 68 -3.56 10.76 10.92
N LYS A 69 -4.84 11.09 10.95
CA LYS A 69 -5.82 10.50 10.06
C LYS A 69 -6.46 11.54 9.15
N ILE A 70 -6.99 11.05 8.01
CA ILE A 70 -7.77 11.88 7.10
C ILE A 70 -8.84 10.99 6.45
N THR A 71 -10.02 11.58 6.19
CA THR A 71 -11.08 10.88 5.46
C THR A 71 -10.93 11.14 3.97
N TYR A 72 -11.05 10.07 3.17
CA TYR A 72 -10.86 10.18 1.74
C TYR A 72 -11.56 9.02 1.04
N ASN A 73 -11.84 9.20 -0.25
CA ASN A 73 -12.42 8.16 -1.10
C ASN A 73 -11.60 8.16 -2.38
N PHE A 74 -10.82 7.11 -2.60
CA PHE A 74 -9.98 7.07 -3.80
C PHE A 74 -10.86 7.12 -5.03
N ARG A 75 -10.45 7.95 -6.01
CA ARG A 75 -11.10 7.94 -7.31
C ARG A 75 -10.86 6.62 -8.01
N GLN A 76 -9.66 6.07 -7.85
CA GLN A 76 -9.36 4.71 -8.29
C GLN A 76 -9.98 3.71 -7.32
N GLY A 77 -10.03 2.45 -7.72
CA GLY A 77 -10.76 1.48 -6.94
C GLY A 77 -12.26 1.73 -7.06
N ASN A 78 -13.01 0.91 -6.33
CA ASN A 78 -14.46 0.87 -6.51
C ASN A 78 -15.23 1.18 -5.23
N ASN A 79 -14.58 1.69 -4.20
CA ASN A 79 -15.29 2.06 -2.98
C ASN A 79 -16.19 3.25 -3.26
N THR A 80 -17.42 3.18 -2.77
CA THR A 80 -18.40 4.25 -3.03
C THR A 80 -18.47 5.26 -1.90
N GLN A 81 -17.89 4.96 -0.75
CA GLN A 81 -17.88 5.83 0.40
C GLN A 81 -16.46 6.13 0.85
N SER A 82 -16.30 7.25 1.53
CA SER A 82 -15.02 7.60 2.11
C SER A 82 -14.71 6.71 3.32
N SER A 83 -13.41 6.60 3.63
CA SER A 83 -12.92 5.88 4.78
C SER A 83 -11.85 6.74 5.46
N ASP A 84 -11.48 6.35 6.67
CA ASP A 84 -10.36 6.96 7.35
C ASP A 84 -9.07 6.29 6.87
N PHE A 85 -8.04 7.12 6.65
CA PHE A 85 -6.71 6.65 6.26
C PHE A 85 -5.68 7.24 7.21
N ASP A 86 -4.67 6.45 7.57
CA ASP A 86 -3.53 6.99 8.30
C ASP A 86 -2.64 7.78 7.34
N ILE A 87 -2.23 8.98 7.76
CA ILE A 87 -1.27 9.79 7.00
C ILE A 87 0.12 9.41 7.47
N PHE A 88 0.97 8.96 6.55
CA PHE A 88 2.34 8.60 6.86
C PHE A 88 3.29 9.67 6.37
N ASP A 89 4.35 9.89 7.13
CA ASP A 89 5.29 10.95 6.80
C ASP A 89 6.27 10.48 5.73
N THR A 90 6.33 11.23 4.62
CA THR A 90 7.39 11.04 3.63
C THR A 90 8.76 11.47 4.16
N GLY A 91 8.80 12.26 5.22
CA GLY A 91 9.98 12.91 5.71
C GLY A 91 10.15 14.31 5.19
N VAL A 92 9.50 14.63 4.08
CA VAL A 92 9.58 15.97 3.50
C VAL A 92 8.54 16.84 4.20
N PRO A 93 8.91 17.99 4.75
CA PRO A 93 7.91 18.77 5.49
C PRO A 93 6.76 19.17 4.60
N GLY A 94 5.57 19.18 5.16
CA GLY A 94 4.38 19.52 4.42
C GLY A 94 3.75 18.40 3.66
N LEU A 95 4.43 17.26 3.50
CA LEU A 95 3.96 16.20 2.62
C LEU A 95 3.89 14.86 3.36
N GLY A 96 2.70 14.26 3.30
CA GLY A 96 2.50 12.89 3.75
C GLY A 96 1.86 12.08 2.63
N ILE A 97 1.63 10.81 2.93
CA ILE A 97 0.90 9.97 1.99
C ILE A 97 -0.12 9.12 2.74
N ILE A 98 -1.17 8.73 2.00
CA ILE A 98 -2.09 7.70 2.45
C ILE A 98 -2.03 6.53 1.48
N ILE A 99 -2.40 5.35 2.00
CA ILE A 99 -2.20 4.08 1.31
C ILE A 99 -3.47 3.27 1.30
N GLY A 100 -3.80 2.68 0.16
CA GLY A 100 -4.75 1.58 0.12
C GLY A 100 -4.12 0.43 -0.62
N MET A 101 -4.49 -0.79 -0.22
CA MET A 101 -4.00 -1.98 -0.93
C MET A 101 -5.16 -2.94 -1.14
N ALA A 102 -5.01 -3.83 -2.13
CA ALA A 102 -6.05 -4.78 -2.44
C ALA A 102 -5.45 -6.07 -2.94
N GLY A 103 -6.27 -7.12 -2.98
CA GLY A 103 -5.90 -8.31 -3.73
C GLY A 103 -5.65 -7.99 -5.19
N TYR A 104 -4.93 -8.90 -5.85
CA TYR A 104 -4.57 -8.67 -7.24
C TYR A 104 -5.80 -8.51 -8.13
N TRP A 105 -6.76 -9.39 -8.00
CA TRP A 105 -7.88 -9.41 -8.93
C TRP A 105 -8.86 -8.27 -8.63
N PRO A 106 -9.40 -7.63 -9.67
CA PRO A 106 -10.09 -6.34 -9.48
C PRO A 106 -11.36 -6.43 -8.66
N ALA A 107 -11.96 -7.62 -8.51
CA ALA A 107 -13.14 -7.74 -7.68
C ALA A 107 -12.86 -7.52 -6.20
N THR A 108 -11.59 -7.68 -5.78
CA THR A 108 -11.32 -7.52 -4.36
C THR A 108 -11.25 -6.02 -4.02
N PRO A 109 -11.63 -5.65 -2.80
CA PRO A 109 -11.75 -4.23 -2.48
C PRO A 109 -10.44 -3.56 -2.08
N LEU A 110 -10.33 -2.29 -2.44
CA LEU A 110 -9.31 -1.42 -1.86
C LEU A 110 -9.51 -1.36 -0.36
N VAL A 111 -8.47 -1.73 0.38
CA VAL A 111 -8.48 -1.76 1.85
C VAL A 111 -7.70 -0.53 2.34
N PRO A 112 -8.36 0.44 2.97
CA PRO A 112 -7.62 1.59 3.53
C PRO A 112 -6.65 1.15 4.61
N ILE A 113 -5.46 1.72 4.60
CA ILE A 113 -4.48 1.44 5.66
C ILE A 113 -4.73 2.42 6.79
N ASN A 114 -5.33 1.93 7.88
CA ASN A 114 -5.72 2.78 8.99
C ASN A 114 -5.53 2.07 10.33
N SER A 115 -4.67 1.05 10.38
CA SER A 115 -4.33 0.38 11.63
C SER A 115 -2.88 -0.06 11.55
N SER A 116 -2.38 -0.57 12.68
CA SER A 116 -0.96 -0.90 12.77
C SER A 116 -0.59 -2.04 11.84
N SER A 117 -1.52 -2.94 11.57
CA SER A 117 -1.34 -3.97 10.55
C SER A 117 -2.73 -4.33 10.04
N ILE A 118 -2.79 -4.83 8.80
CA ILE A 118 -4.07 -5.22 8.23
C ILE A 118 -3.85 -6.26 7.15
N TYR A 119 -4.82 -7.17 7.03
CA TYR A 119 -4.80 -8.13 5.91
C TYR A 119 -5.37 -7.44 4.68
N ILE A 120 -4.57 -7.39 3.62
CA ILE A 120 -5.00 -6.72 2.40
C ILE A 120 -5.76 -7.68 1.50
N ASP A 121 -5.58 -9.00 1.68
CA ASP A 121 -6.24 -10.03 0.89
C ASP A 121 -6.01 -11.36 1.57
N PRO A 122 -7.07 -12.13 1.88
CA PRO A 122 -8.48 -11.73 1.77
C PRO A 122 -8.88 -10.80 2.91
N VAL A 123 -9.70 -9.77 2.63
CA VAL A 123 -10.04 -8.83 3.69
C VAL A 123 -10.80 -9.52 4.80
N ALA A 124 -11.44 -10.64 4.51
CA ALA A 124 -12.13 -11.41 5.54
C ALA A 124 -11.21 -11.83 6.68
N ALA A 125 -9.90 -11.97 6.41
CA ALA A 125 -9.00 -12.41 7.47
C ALA A 125 -8.88 -11.41 8.61
N ASN A 126 -9.31 -10.17 8.39
CA ASN A 126 -9.27 -9.18 9.46
C ASN A 126 -10.26 -9.48 10.57
N THR A 127 -11.29 -10.26 10.30
CA THR A 127 -12.19 -10.72 11.35
C THR A 127 -12.28 -12.23 11.49
N ASN A 128 -11.68 -13.01 10.60
CA ASN A 128 -11.66 -14.47 10.69
C ASN A 128 -10.22 -14.94 10.59
N PRO A 129 -9.57 -15.32 11.70
CA PRO A 129 -8.14 -15.65 11.64
C PRO A 129 -7.84 -16.92 10.86
N ASN A 130 -8.87 -17.65 10.43
CA ASN A 130 -8.66 -18.87 9.67
C ASN A 130 -8.98 -18.70 8.19
N ALA A 131 -9.14 -17.46 7.71
CA ALA A 131 -9.46 -17.20 6.31
C ALA A 131 -8.21 -16.92 5.48
N TYR A 132 -8.15 -17.58 4.32
CA TYR A 132 -7.04 -17.46 3.39
C TYR A 132 -7.60 -17.38 1.97
N ASN A 133 -6.73 -16.98 1.04
CA ASN A 133 -7.10 -17.08 -0.37
C ASN A 133 -7.23 -18.54 -0.79
N GLY A 134 -8.07 -18.76 -1.81
CA GLY A 134 -8.10 -20.06 -2.45
C GLY A 134 -6.73 -20.51 -2.91
N ALA A 135 -6.51 -21.82 -2.91
CA ALA A 135 -5.19 -22.37 -3.19
C ALA A 135 -4.73 -22.03 -4.61
N THR A 136 -3.48 -21.65 -4.71
CA THR A 136 -2.86 -21.30 -5.99
C THR A 136 -1.35 -21.21 -5.77
N GLY A 137 -0.64 -20.82 -6.82
CA GLY A 137 0.80 -20.81 -6.78
C GLY A 137 1.44 -19.46 -6.58
N SER A 138 0.67 -18.42 -6.30
CA SER A 138 1.27 -17.11 -6.09
C SER A 138 0.32 -16.24 -5.28
N PHE A 139 0.89 -15.16 -4.74
CA PHE A 139 0.11 -14.10 -4.05
C PHE A 139 0.55 -12.76 -4.63
N GLY A 140 -0.42 -11.95 -5.06
CA GLY A 140 -0.16 -10.62 -5.56
C GLY A 140 -1.07 -9.58 -4.92
N ALA A 141 -0.92 -8.34 -5.40
CA ALA A 141 -1.68 -7.26 -4.81
C ALA A 141 -1.72 -6.05 -5.74
N ARG A 142 -2.60 -5.10 -5.40
CA ARG A 142 -2.68 -3.77 -5.98
C ARG A 142 -2.31 -2.76 -4.89
N LEU A 143 -1.69 -1.68 -5.32
CA LEU A 143 -1.20 -0.63 -4.43
C LEU A 143 -1.68 0.71 -4.92
N TYR A 144 -2.23 1.52 -3.99
CA TYR A 144 -2.75 2.85 -4.26
C TYR A 144 -2.17 3.82 -3.24
N VAL A 145 -1.77 5.01 -3.68
CA VAL A 145 -1.18 6.01 -2.81
C VAL A 145 -1.67 7.37 -3.26
N ALA A 146 -1.98 8.23 -2.30
CA ALA A 146 -2.27 9.64 -2.55
C ALA A 146 -1.40 10.50 -1.67
N PHE A 147 -0.95 11.64 -2.20
CA PHE A 147 -0.22 12.62 -1.42
C PHE A 147 -1.15 13.55 -0.69
N VAL A 148 -0.68 13.98 0.48
CA VAL A 148 -1.45 14.78 1.43
C VAL A 148 -0.61 16.00 1.81
N ALA A 149 -1.21 17.17 1.71
CA ALA A 149 -0.59 18.36 2.26
C ALA A 149 -0.87 18.41 3.75
N THR A 150 0.19 18.40 4.54
CA THR A 150 0.09 18.52 5.99
C THR A 150 0.48 19.90 6.46
N GLY A 151 0.84 20.77 5.54
CA GLY A 151 1.17 22.15 5.85
C GLY A 151 1.44 22.91 4.58
N ARG A 152 1.87 24.16 4.73
CA ARG A 152 1.98 25.06 3.58
C ARG A 152 3.08 24.59 2.63
N LEU A 153 2.79 24.57 1.34
CA LEU A 153 3.74 24.11 0.34
C LEU A 153 4.25 25.29 -0.46
N PRO A 154 5.55 25.40 -0.68
CA PRO A 154 6.06 26.46 -1.55
C PRO A 154 5.84 26.13 -3.02
N ASN A 155 5.84 27.17 -3.82
CA ASN A 155 5.77 27.01 -5.27
C ASN A 155 7.03 26.33 -5.79
N GLY A 156 6.86 25.51 -6.79
CA GLY A 156 7.98 24.96 -7.53
C GLY A 156 8.14 23.48 -7.35
N TYR A 157 9.30 22.97 -7.73
CA TYR A 157 9.60 21.54 -7.64
C TYR A 157 10.07 21.14 -6.26
N VAL A 158 9.71 19.92 -5.85
CA VAL A 158 10.26 19.32 -4.64
C VAL A 158 10.52 17.85 -4.89
N THR A 159 11.62 17.34 -4.34
CA THR A 159 12.02 15.96 -4.49
C THR A 159 11.50 15.15 -3.32
N ILE A 160 10.91 14.01 -3.64
CA ILE A 160 10.54 13.01 -2.63
C ILE A 160 11.56 11.89 -2.70
N PRO A 161 12.19 11.50 -1.60
CA PRO A 161 13.08 10.34 -1.63
C PRO A 161 12.29 9.05 -1.84
N THR A 162 12.98 8.03 -2.32
CA THR A 162 12.42 6.68 -2.27
C THR A 162 12.21 6.29 -0.82
N LYS A 163 11.01 5.79 -0.51
CA LYS A 163 10.65 5.38 0.84
C LYS A 163 10.11 3.97 0.81
N GLN A 164 10.40 3.19 1.84
CA GLN A 164 9.73 1.92 2.08
C GLN A 164 8.47 2.21 2.90
N LEU A 165 7.32 1.98 2.28
CA LEU A 165 6.05 2.27 2.95
C LEU A 165 5.77 1.24 4.02
N GLY A 166 6.24 0.02 3.81
CA GLY A 166 5.99 -1.06 4.76
C GLY A 166 6.39 -2.38 4.14
N HIS A 167 5.86 -3.45 4.71
CA HIS A 167 6.11 -4.78 4.17
C HIS A 167 4.85 -5.62 4.26
N ILE A 168 4.77 -6.60 3.36
CA ILE A 168 3.75 -7.63 3.40
C ILE A 168 4.37 -8.91 3.93
N LEU A 169 3.76 -9.48 4.97
CA LEU A 169 4.11 -10.79 5.50
C LEU A 169 3.20 -11.84 4.85
N LEU A 170 3.82 -12.90 4.31
CA LEU A 170 3.07 -14.03 3.73
C LEU A 170 2.66 -14.97 4.86
N GLU A 171 1.38 -15.24 4.96
CA GLU A 171 0.88 -16.24 5.89
C GLU A 171 0.18 -17.35 5.12
N SER A 172 0.13 -18.53 5.72
CA SER A 172 -0.48 -19.70 5.08
C SER A 172 -0.97 -20.64 6.17
N ASN A 173 -1.95 -21.47 5.82
CA ASN A 173 -2.32 -22.54 6.74
C ASN A 173 -1.42 -23.76 6.61
N ARG A 174 -0.44 -23.75 5.72
CA ARG A 174 0.62 -24.75 5.70
C ARG A 174 1.73 -24.28 6.61
N ALA A 175 1.97 -25.01 7.70
CA ALA A 175 2.88 -24.54 8.74
C ALA A 175 4.27 -24.26 8.23
N SER A 176 4.81 -25.14 7.38
CA SER A 176 6.18 -24.99 6.91
C SER A 176 6.33 -23.71 6.10
N LEU A 177 5.31 -23.35 5.35
CA LEU A 177 5.36 -22.12 4.57
C LEU A 177 5.16 -20.90 5.47
N ASN A 178 4.16 -20.97 6.35
CA ASN A 178 3.91 -19.89 7.30
C ASN A 178 5.17 -19.58 8.11
N ASN A 179 5.86 -20.64 8.55
N ASN A 179 5.86 -20.61 8.58
CA ASN A 179 7.01 -20.48 9.44
CA ASN A 179 6.96 -20.34 9.50
C ASN A 179 8.15 -19.74 8.78
C ASN A 179 8.21 -19.82 8.79
N LYS A 180 8.25 -19.77 7.45
CA LYS A 180 9.31 -19.02 6.78
C LYS A 180 9.21 -17.52 6.99
N ARG A 181 8.02 -17.01 7.31
CA ARG A 181 7.80 -15.58 7.56
CA ARG A 181 7.83 -15.59 7.55
C ARG A 181 8.38 -14.73 6.42
N LEU A 182 8.03 -15.11 5.19
CA LEU A 182 8.50 -14.40 4.03
C LEU A 182 7.91 -12.99 4.02
N THR A 183 8.73 -12.00 3.68
CA THR A 183 8.28 -10.62 3.64
C THR A 183 8.74 -9.95 2.36
N ALA A 184 7.85 -9.12 1.80
CA ALA A 184 8.07 -8.37 0.59
C ALA A 184 7.93 -6.88 0.87
N PRO A 185 8.84 -6.06 0.36
CA PRO A 185 8.74 -4.62 0.58
C PRO A 185 7.69 -3.97 -0.30
N VAL A 186 7.05 -2.94 0.27
CA VAL A 186 6.07 -2.09 -0.43
C VAL A 186 6.74 -0.74 -0.53
N MET A 187 7.00 -0.28 -1.77
CA MET A 187 7.91 0.82 -2.00
C MET A 187 7.22 2.00 -2.68
N LEU A 188 7.58 3.21 -2.24
CA LEU A 188 7.27 4.44 -2.93
C LEU A 188 8.53 4.88 -3.66
N ASN A 189 8.55 4.70 -4.97
CA ASN A 189 9.68 5.18 -5.75
C ASN A 189 9.70 6.71 -5.70
N GLY A 190 10.86 7.26 -5.38
CA GLY A 190 11.02 8.69 -5.27
C GLY A 190 10.91 9.37 -6.62
N GLY A 191 10.81 10.68 -6.57
CA GLY A 191 10.64 11.46 -7.78
C GLY A 191 10.42 12.92 -7.44
N ARG A 192 10.01 13.66 -8.45
CA ARG A 192 9.81 15.09 -8.37
C ARG A 192 8.31 15.38 -8.48
N ILE A 193 7.80 16.24 -7.62
CA ILE A 193 6.46 16.78 -7.78
C ILE A 193 6.60 18.29 -7.98
N GLN A 194 5.53 18.91 -8.50
CA GLN A 194 5.51 20.35 -8.74
C GLN A 194 4.25 20.94 -8.14
N VAL A 195 4.43 22.04 -7.42
CA VAL A 195 3.36 22.84 -6.83
C VAL A 195 3.27 24.13 -7.64
N GLN A 196 2.06 24.47 -8.11
CA GLN A 196 1.81 25.76 -8.74
C GLN A 196 0.86 26.52 -7.83
N SER A 197 1.39 27.51 -7.13
CA SER A 197 0.59 28.38 -6.25
C SER A 197 0.25 29.62 -7.05
N LEU A 198 -1.02 29.75 -7.43
CA LEU A 198 -1.46 30.85 -8.28
C LEU A 198 -1.71 32.11 -7.46
#